data_2Q8Y
#
_entry.id   2Q8Y
#
_cell.length_a   37.367
_cell.length_b   71.842
_cell.length_c   96.060
_cell.angle_alpha   90.00
_cell.angle_beta   90.00
_cell.angle_gamma   90.00
#
_symmetry.space_group_name_H-M   'P 21 21 21'
#
loop_
_entity.id
_entity.type
_entity.pdbx_description
1 polymer '27.5 kDa virulence protein'
2 polymer 'Mitogen-activated protein kinase 7'
3 water water
#
loop_
_entity_poly.entity_id
_entity_poly.type
_entity_poly.pdbx_seq_one_letter_code
_entity_poly.pdbx_strand_id
1 'polypeptide(L)'
;MPINRPNLNLNIPPLNIVAAYDGAEIPSTNKHLKNNFNSLHNQMRKMPVSHFKEALDVPDYSGMRQSGFFAMSQGFQLNN
HGYDVFIHARRESPQSQGKFAGDKFHISVLRDMVPQAFQALSGLLFSEDSPVDKWAVTDMEKVVQQARVSLGAQFTLYIK
PDQENSQYSASFLHKTRQFIECLESRLSENGVISGQCPESDVHPENWKYLSYRNELRSGRDGGEMQRQALREEPFYRLMT
E
;
A
2 'polypeptide(L)' QYFM(TPO)E(PTR)VA B
#
# COMPACT_ATOMS: atom_id res chain seq x y z
N PRO A 27 -3.08 -18.47 -18.56
CA PRO A 27 -3.74 -17.16 -18.26
C PRO A 27 -3.37 -16.71 -16.85
N SER A 28 -3.24 -15.40 -16.67
CA SER A 28 -2.89 -14.81 -15.37
C SER A 28 -3.11 -13.29 -15.35
N THR A 29 -3.16 -12.74 -14.14
CA THR A 29 -3.26 -11.29 -13.93
C THR A 29 -2.21 -10.52 -14.73
N ASN A 30 -0.94 -10.92 -14.55
CA ASN A 30 0.17 -10.25 -15.19
C ASN A 30 0.20 -10.43 -16.70
N LYS A 31 -0.22 -11.61 -17.17
CA LYS A 31 -0.33 -11.86 -18.60
C LYS A 31 -1.34 -10.90 -19.25
N HIS A 32 -2.46 -10.69 -18.58
CA HIS A 32 -3.45 -9.71 -19.04
C HIS A 32 -2.86 -8.29 -19.10
N LEU A 33 -2.09 -7.91 -18.08
CA LEU A 33 -1.40 -6.62 -18.08
C LEU A 33 -0.46 -6.45 -19.28
N LYS A 34 0.33 -7.48 -19.57
CA LYS A 34 1.27 -7.44 -20.69
C LYS A 34 0.56 -7.27 -22.04
N ASN A 35 -0.51 -8.04 -22.24
CA ASN A 35 -1.24 -8.02 -23.50
C ASN A 35 -2.15 -6.82 -23.71
N ASN A 36 -2.44 -6.10 -22.63
CA ASN A 36 -3.27 -4.90 -22.69
C ASN A 36 -2.53 -3.67 -22.15
N PHE A 37 -1.20 -3.76 -22.18
CA PHE A 37 -0.28 -2.76 -21.59
C PHE A 37 -0.57 -1.32 -22.02
N ASN A 38 -0.62 -1.08 -23.34
CA ASN A 38 -0.87 0.25 -23.86
C ASN A 38 -2.32 0.70 -23.75
N SER A 39 -3.24 -0.23 -24.02
CA SER A 39 -4.68 0.01 -23.90
C SER A 39 -5.04 0.48 -22.48
N LEU A 40 -4.53 -0.22 -21.47
CA LEU A 40 -4.78 0.15 -20.08
C LEU A 40 -4.19 1.53 -19.75
N HIS A 41 -2.93 1.75 -20.12
CA HIS A 41 -2.26 3.04 -19.93
C HIS A 41 -3.00 4.22 -20.60
N ASN A 42 -3.40 4.04 -21.87
CA ASN A 42 -4.11 5.07 -22.62
C ASN A 42 -5.49 5.38 -22.00
N GLN A 43 -6.20 4.34 -21.57
CA GLN A 43 -7.50 4.52 -20.90
C GLN A 43 -7.33 5.29 -19.58
N MET A 44 -6.30 4.93 -18.82
CA MET A 44 -6.01 5.57 -17.53
C MET A 44 -5.75 7.06 -17.66
N ARG A 45 -4.91 7.43 -18.62
CA ARG A 45 -4.50 8.84 -18.77
C ARG A 45 -5.64 9.76 -19.21
N LYS A 46 -6.70 9.17 -19.76
CA LYS A 46 -7.89 9.92 -20.21
C LYS A 46 -8.95 10.12 -19.12
N MET A 47 -8.79 9.44 -17.99
CA MET A 47 -9.81 9.49 -16.94
C MET A 47 -9.74 10.76 -16.08
N PRO A 48 -10.89 11.24 -15.57
CA PRO A 48 -10.85 12.41 -14.71
C PRO A 48 -10.22 12.07 -13.35
N VAL A 49 -9.81 13.09 -12.61
CA VAL A 49 -9.23 12.89 -11.28
C VAL A 49 -10.17 12.11 -10.38
N SER A 50 -9.60 11.17 -9.62
CA SER A 50 -10.35 10.42 -8.63
C SER A 50 -10.62 11.30 -7.43
N HIS A 51 -11.82 11.18 -6.87
CA HIS A 51 -12.17 11.85 -5.62
C HIS A 51 -12.39 10.83 -4.51
N PHE A 52 -11.73 11.04 -3.38
CA PHE A 52 -11.86 10.14 -2.24
C PHE A 52 -12.48 10.89 -1.05
N LYS A 53 -13.68 10.48 -0.64
CA LYS A 53 -14.29 11.05 0.56
C LYS A 53 -13.56 10.48 1.78
N GLU A 54 -12.85 11.35 2.48
CA GLU A 54 -12.01 10.92 3.59
C GLU A 54 -12.84 10.67 4.84
N ALA A 55 -12.48 9.62 5.56
CA ALA A 55 -13.18 9.22 6.79
C ALA A 55 -12.74 10.10 7.96
N LEU A 56 -13.66 10.35 8.90
CA LEU A 56 -13.34 11.13 10.10
C LEU A 56 -13.43 10.31 11.39
N ASP A 57 -14.36 9.36 11.44
CA ASP A 57 -14.53 8.54 12.63
C ASP A 57 -13.52 7.38 12.63
N VAL A 58 -12.27 7.73 12.88
CA VAL A 58 -11.16 6.79 12.76
C VAL A 58 -10.26 6.89 13.99
N PRO A 59 -9.49 5.83 14.28
CA PRO A 59 -8.53 5.92 15.38
C PRO A 59 -7.37 6.84 15.02
N ASP A 60 -6.72 7.42 16.02
CA ASP A 60 -5.40 7.95 15.83
C ASP A 60 -4.41 6.80 16.00
N TYR A 61 -3.12 7.06 15.91
CA TYR A 61 -2.16 5.96 15.93
C TYR A 61 -2.17 5.18 17.27
N SER A 62 -2.29 5.89 18.38
CA SER A 62 -2.43 5.26 19.70
C SER A 62 -3.65 4.33 19.75
N GLY A 63 -4.79 4.80 19.26
CA GLY A 63 -6.01 4.02 19.20
C GLY A 63 -5.87 2.80 18.32
N MET A 64 -5.16 2.96 17.21
CA MET A 64 -4.82 1.87 16.31
C MET A 64 -4.07 0.73 17.04
N ARG A 65 -3.08 1.11 17.85
CA ARG A 65 -2.30 0.16 18.66
C ARG A 65 -3.15 -0.61 19.69
N GLN A 66 -4.32 -0.06 20.02
CA GLN A 66 -5.23 -0.65 21.00
C GLN A 66 -6.34 -1.50 20.37
N SER A 67 -6.19 -1.85 19.09
CA SER A 67 -7.19 -2.63 18.39
C SER A 67 -7.42 -4.02 19.01
N GLY A 68 -6.35 -4.61 19.55
CA GLY A 68 -6.40 -5.92 20.21
C GLY A 68 -7.03 -7.01 19.36
N PHE A 69 -7.98 -7.73 19.96
CA PHE A 69 -8.70 -8.80 19.28
C PHE A 69 -9.64 -8.30 18.18
N PHE A 70 -10.35 -7.21 18.47
CA PHE A 70 -11.31 -6.67 17.51
C PHE A 70 -11.62 -5.20 17.73
N ALA A 71 -11.51 -4.44 16.64
CA ALA A 71 -12.03 -3.09 16.55
C ALA A 71 -12.47 -2.90 15.12
N MET A 72 -13.27 -1.87 14.88
CA MET A 72 -13.72 -1.54 13.53
C MET A 72 -13.85 -0.04 13.35
N SER A 73 -13.35 0.43 12.20
CA SER A 73 -13.49 1.82 11.81
C SER A 73 -13.80 1.86 10.31
N GLN A 74 -14.94 2.46 9.98
CA GLN A 74 -15.40 2.64 8.58
C GLN A 74 -15.41 1.34 7.77
N GLY A 75 -15.85 0.26 8.39
CA GLY A 75 -15.94 -1.02 7.72
C GLY A 75 -14.64 -1.81 7.66
N PHE A 76 -13.54 -1.21 8.13
CA PHE A 76 -12.25 -1.90 8.23
C PHE A 76 -12.13 -2.56 9.60
N GLN A 77 -12.07 -3.88 9.61
CA GLN A 77 -11.83 -4.64 10.83
C GLN A 77 -10.36 -4.50 11.21
N LEU A 78 -10.12 -4.21 12.49
CA LEU A 78 -8.78 -3.95 12.97
C LEU A 78 -8.37 -4.98 14.01
N ASN A 79 -7.11 -5.41 13.94
CA ASN A 79 -6.57 -6.25 14.99
C ASN A 79 -5.06 -6.04 15.17
N ASN A 80 -4.64 -6.07 16.43
CA ASN A 80 -3.23 -5.93 16.78
C ASN A 80 -2.83 -7.05 17.73
N HIS A 81 -3.23 -8.27 17.41
CA HIS A 81 -3.02 -9.40 18.31
C HIS A 81 -2.48 -10.65 17.62
N GLY A 82 -2.01 -10.47 16.39
CA GLY A 82 -1.46 -11.58 15.62
C GLY A 82 -0.06 -11.94 16.05
N TYR A 83 0.47 -13.00 15.45
CA TYR A 83 1.84 -13.42 15.66
C TYR A 83 2.79 -12.63 14.77
N ASP A 84 2.67 -11.29 14.85
CA ASP A 84 3.54 -10.37 14.12
C ASP A 84 3.51 -8.98 14.74
N VAL A 85 4.27 -8.04 14.15
CA VAL A 85 4.47 -6.72 14.75
C VAL A 85 3.56 -5.62 14.18
N PHE A 86 2.50 -6.04 13.48
CA PHE A 86 1.66 -5.09 12.75
C PHE A 86 0.24 -5.00 13.29
N ILE A 87 -0.37 -3.84 13.06
CA ILE A 87 -1.80 -3.68 13.20
C ILE A 87 -2.38 -3.87 11.80
N HIS A 88 -3.31 -4.82 11.67
CA HIS A 88 -3.87 -5.20 10.38
C HIS A 88 -5.23 -4.56 10.18
N ALA A 89 -5.48 -4.09 8.96
CA ALA A 89 -6.77 -3.51 8.60
C ALA A 89 -7.33 -4.24 7.39
N ARG A 90 -8.57 -4.68 7.50
CA ARG A 90 -9.23 -5.45 6.44
C ARG A 90 -10.70 -5.10 6.34
N ARG A 91 -11.07 -4.60 5.17
CA ARG A 91 -12.46 -4.40 4.82
C ARG A 91 -12.81 -5.56 3.89
N GLU A 92 -14.02 -6.07 4.03
CA GLU A 92 -14.50 -7.16 3.18
C GLU A 92 -14.28 -6.81 1.71
N SER A 93 -13.65 -7.73 0.99
CA SER A 93 -13.40 -7.56 -0.44
C SER A 93 -14.69 -7.82 -1.23
N PRO A 94 -14.82 -7.19 -2.42
CA PRO A 94 -15.93 -7.52 -3.33
C PRO A 94 -15.91 -9.00 -3.70
N GLN A 95 -17.00 -9.70 -3.39
CA GLN A 95 -17.07 -11.15 -3.56
C GLN A 95 -17.51 -11.53 -4.97
N GLY A 98 -10.71 -10.25 -7.85
CA GLY A 98 -9.76 -11.33 -8.16
C GLY A 98 -8.85 -11.73 -7.01
N LYS A 99 -8.10 -12.81 -7.22
CA LYS A 99 -7.16 -13.33 -6.22
C LYS A 99 -5.89 -12.48 -6.16
N PHE A 100 -5.28 -12.35 -4.97
CA PHE A 100 -4.06 -11.55 -4.79
C PHE A 100 -2.96 -11.95 -5.77
N ALA A 101 -2.46 -10.97 -6.52
CA ALA A 101 -1.45 -11.21 -7.57
C ALA A 101 -0.05 -10.69 -7.23
N GLY A 102 0.20 -10.42 -5.94
CA GLY A 102 1.53 -10.01 -5.49
C GLY A 102 1.77 -8.51 -5.36
N ASP A 103 0.96 -7.71 -6.06
CA ASP A 103 1.19 -6.26 -6.15
C ASP A 103 0.89 -5.54 -4.84
N LYS A 104 1.90 -4.86 -4.32
CA LYS A 104 1.74 -4.12 -3.06
C LYS A 104 2.67 -2.91 -2.95
N PHE A 105 2.26 -1.96 -2.12
CA PHE A 105 3.04 -0.76 -1.84
C PHE A 105 3.50 -0.74 -0.39
N HIS A 106 4.70 -0.20 -0.16
CA HIS A 106 5.09 0.27 1.16
C HIS A 106 5.06 1.78 1.22
N ILE A 107 4.89 2.31 2.43
CA ILE A 107 5.07 3.73 2.69
C ILE A 107 6.18 3.84 3.74
N SER A 108 7.21 4.62 3.41
CA SER A 108 8.32 4.86 4.32
C SER A 108 8.35 6.30 4.78
N VAL A 109 8.28 6.49 6.10
CA VAL A 109 8.43 7.81 6.73
C VAL A 109 9.51 7.74 7.82
N LEU A 110 10.01 8.90 8.24
CA LEU A 110 10.95 8.97 9.35
C LEU A 110 10.36 8.25 10.56
N ARG A 111 11.12 7.33 11.14
CA ARG A 111 10.66 6.49 12.27
C ARG A 111 9.82 7.27 13.29
N ASP A 112 10.36 8.41 13.73
CA ASP A 112 9.75 9.26 14.76
C ASP A 112 8.37 9.80 14.37
N MET A 113 8.14 9.92 13.07
CA MET A 113 6.92 10.57 12.56
C MET A 113 5.81 9.61 12.12
N VAL A 114 5.93 8.32 12.44
CA VAL A 114 4.87 7.33 12.16
C VAL A 114 3.48 7.70 12.71
N PRO A 115 3.40 8.10 14.01
CA PRO A 115 2.08 8.50 14.51
C PRO A 115 1.46 9.68 13.76
N GLN A 116 2.25 10.68 13.41
CA GLN A 116 1.74 11.84 12.66
C GLN A 116 1.41 11.47 11.22
N ALA A 117 2.25 10.62 10.63
CA ALA A 117 2.02 10.13 9.26
C ALA A 117 0.73 9.32 9.19
N PHE A 118 0.53 8.43 10.16
CA PHE A 118 -0.68 7.60 10.21
C PHE A 118 -1.94 8.44 10.29
N GLN A 119 -1.92 9.47 11.14
CA GLN A 119 -3.08 10.35 11.35
C GLN A 119 -3.40 11.13 10.06
N ALA A 120 -2.35 11.66 9.43
CA ALA A 120 -2.49 12.42 8.19
C ALA A 120 -3.12 11.58 7.07
N LEU A 121 -2.79 10.29 7.05
CA LEU A 121 -3.26 9.38 6.01
C LEU A 121 -4.55 8.63 6.36
N SER A 122 -4.99 8.74 7.62
CA SER A 122 -6.11 7.92 8.11
C SER A 122 -7.42 8.14 7.35
N GLY A 123 -7.69 9.39 6.98
CA GLY A 123 -8.89 9.75 6.18
C GLY A 123 -8.96 9.00 4.86
N LEU A 124 -7.82 8.91 4.19
CA LEU A 124 -7.70 8.18 2.92
C LEU A 124 -7.67 6.66 3.11
N LEU A 125 -6.90 6.19 4.10
CA LEU A 125 -6.76 4.76 4.38
C LEU A 125 -8.06 4.09 4.85
N PHE A 126 -8.91 4.87 5.51
CA PHE A 126 -10.23 4.36 5.93
C PHE A 126 -11.37 4.85 5.02
N SER A 127 -11.03 5.53 3.94
CA SER A 127 -12.03 6.07 3.00
C SER A 127 -12.91 4.99 2.37
N GLU A 128 -14.21 5.25 2.32
CA GLU A 128 -15.18 4.40 1.62
C GLU A 128 -14.87 4.30 0.12
N ASP A 129 -14.07 5.24 -0.37
CA ASP A 129 -13.68 5.30 -1.78
C ASP A 129 -12.30 4.69 -2.08
N SER A 130 -11.56 4.31 -1.05
CA SER A 130 -10.25 3.70 -1.24
C SER A 130 -10.32 2.38 -2.01
N PRO A 131 -9.39 2.18 -2.97
CA PRO A 131 -9.30 0.89 -3.67
C PRO A 131 -8.57 -0.18 -2.85
N VAL A 132 -8.04 0.21 -1.70
CA VAL A 132 -7.24 -0.69 -0.86
C VAL A 132 -8.08 -1.26 0.30
N ASP A 133 -8.43 -2.54 0.20
CA ASP A 133 -9.28 -3.19 1.19
C ASP A 133 -8.48 -3.78 2.32
N LYS A 134 -7.19 -3.98 2.07
CA LYS A 134 -6.32 -4.65 3.03
C LYS A 134 -4.99 -3.90 3.17
N TRP A 135 -4.71 -3.47 4.38
CA TRP A 135 -3.44 -2.81 4.66
C TRP A 135 -2.99 -3.07 6.10
N ALA A 136 -1.75 -2.71 6.38
CA ALA A 136 -1.17 -2.91 7.71
C ALA A 136 -0.17 -1.81 8.03
N VAL A 137 -0.01 -1.50 9.32
CA VAL A 137 0.97 -0.53 9.78
C VAL A 137 1.75 -1.16 10.94
N THR A 138 3.05 -0.90 10.98
CA THR A 138 3.88 -1.37 12.10
C THR A 138 3.37 -0.83 13.44
N ASP A 139 3.31 -1.70 14.45
CA ASP A 139 3.21 -1.25 15.84
C ASP A 139 4.62 -0.91 16.30
N MET A 140 4.93 0.38 16.35
CA MET A 140 6.28 0.86 16.64
C MET A 140 6.81 0.41 18.01
N GLU A 141 5.92 0.04 18.92
CA GLU A 141 6.32 -0.45 20.25
C GLU A 141 6.73 -1.93 20.26
N LYS A 142 6.42 -2.64 19.17
CA LYS A 142 6.74 -4.07 19.06
C LYS A 142 8.07 -4.36 18.34
N VAL A 143 8.71 -3.32 17.81
CA VAL A 143 9.96 -3.48 17.07
C VAL A 143 11.08 -2.59 17.59
N VAL A 144 12.32 -3.08 17.50
CA VAL A 144 13.48 -2.25 17.83
C VAL A 144 13.55 -1.11 16.80
N GLN A 145 14.08 0.04 17.23
CA GLN A 145 14.13 1.24 16.39
C GLN A 145 14.78 1.04 15.02
N GLN A 146 15.82 0.22 14.96
CA GLN A 146 16.60 0.05 13.72
C GLN A 146 16.08 -1.07 12.79
N ALA A 147 14.91 -1.63 13.11
CA ALA A 147 14.30 -2.69 12.30
C ALA A 147 13.91 -2.20 10.91
N ARG A 148 13.90 -3.11 9.95
CA ARG A 148 13.49 -2.82 8.56
C ARG A 148 12.13 -2.10 8.51
N VAL A 149 11.15 -2.61 9.25
CA VAL A 149 9.80 -2.05 9.24
C VAL A 149 9.59 -0.93 10.27
N SER A 150 10.69 -0.51 10.89
CA SER A 150 10.71 0.61 11.82
C SER A 150 11.33 1.87 11.17
N LEU A 151 12.45 1.69 10.48
CA LEU A 151 13.14 2.80 9.80
C LEU A 151 12.44 3.22 8.50
N GLY A 152 11.68 2.30 7.92
CA GLY A 152 10.89 2.56 6.72
C GLY A 152 9.81 1.50 6.61
N ALA A 153 9.14 1.43 5.46
CA ALA A 153 8.12 0.42 5.21
C ALA A 153 7.22 0.14 6.42
N GLN A 154 6.79 1.22 7.08
CA GLN A 154 5.92 1.12 8.24
C GLN A 154 4.46 0.88 7.85
N PHE A 155 4.14 1.03 6.57
CA PHE A 155 2.82 0.70 6.05
C PHE A 155 2.99 -0.26 4.88
N THR A 156 2.06 -1.21 4.78
CA THR A 156 1.94 -2.04 3.59
C THR A 156 0.52 -1.92 3.03
N LEU A 157 0.40 -1.60 1.74
CA LEU A 157 -0.91 -1.54 1.08
C LEU A 157 -1.00 -2.68 0.08
N TYR A 158 -1.94 -3.59 0.30
CA TYR A 158 -2.10 -4.75 -0.58
C TYR A 158 -3.14 -4.48 -1.67
N ILE A 159 -2.73 -4.70 -2.92
CA ILE A 159 -3.60 -4.50 -4.07
C ILE A 159 -4.07 -5.86 -4.60
N LYS A 160 -5.38 -5.95 -4.88
CA LYS A 160 -5.96 -7.15 -5.50
C LYS A 160 -6.63 -6.75 -6.82
N PRO A 161 -6.48 -7.59 -7.86
CA PRO A 161 -7.21 -7.31 -9.10
C PRO A 161 -8.72 -7.26 -8.83
N ASP A 162 -9.38 -6.28 -9.43
CA ASP A 162 -10.76 -5.94 -9.06
C ASP A 162 -11.82 -6.74 -9.81
N GLN A 163 -11.44 -7.31 -10.95
CA GLN A 163 -12.38 -8.07 -11.76
C GLN A 163 -12.43 -9.53 -11.33
N GLU A 164 -13.62 -10.12 -11.48
CA GLU A 164 -13.93 -11.51 -11.11
C GLU A 164 -12.98 -12.54 -11.72
N ASN A 165 -12.52 -12.27 -12.93
CA ASN A 165 -11.56 -13.12 -13.63
C ASN A 165 -10.09 -12.86 -13.23
N SER A 166 -9.90 -12.13 -12.12
CA SER A 166 -8.56 -11.78 -11.59
C SER A 166 -7.74 -10.83 -12.48
N GLN A 167 -8.43 -10.07 -13.32
CA GLN A 167 -7.78 -9.05 -14.11
C GLN A 167 -7.97 -7.70 -13.46
N TYR A 168 -7.01 -6.81 -13.66
CA TYR A 168 -7.16 -5.40 -13.33
C TYR A 168 -7.95 -4.69 -14.42
N SER A 169 -8.88 -3.83 -14.01
CA SER A 169 -9.51 -2.91 -14.96
C SER A 169 -8.73 -1.60 -14.97
N ALA A 170 -8.80 -0.90 -16.11
CA ALA A 170 -8.26 0.45 -16.24
C ALA A 170 -8.80 1.41 -15.18
N SER A 171 -10.11 1.35 -14.93
CA SER A 171 -10.74 2.20 -13.89
C SER A 171 -10.07 2.02 -12.53
N PHE A 172 -9.86 0.77 -12.15
CA PHE A 172 -9.26 0.44 -10.86
C PHE A 172 -7.78 0.82 -10.78
N LEU A 173 -7.03 0.54 -11.86
CA LEU A 173 -5.63 0.92 -11.92
C LEU A 173 -5.47 2.43 -11.77
N HIS A 174 -6.34 3.18 -12.47
CA HIS A 174 -6.39 4.63 -12.36
C HIS A 174 -6.68 5.08 -10.92
N LYS A 175 -7.72 4.50 -10.33
CA LYS A 175 -8.09 4.79 -8.94
C LYS A 175 -6.94 4.54 -7.97
N THR A 176 -6.28 3.38 -8.14
CA THR A 176 -5.15 2.97 -7.30
C THR A 176 -3.98 3.95 -7.42
N ARG A 177 -3.63 4.33 -8.65
CA ARG A 177 -2.55 5.29 -8.88
C ARG A 177 -2.86 6.68 -8.29
N GLN A 178 -4.08 7.14 -8.54
CA GLN A 178 -4.58 8.40 -7.96
C GLN A 178 -4.54 8.37 -6.43
N PHE A 179 -4.92 7.22 -5.86
CA PHE A 179 -4.93 7.03 -4.41
C PHE A 179 -3.54 7.17 -3.79
N ILE A 180 -2.55 6.48 -4.36
CA ILE A 180 -1.20 6.53 -3.80
C ILE A 180 -0.57 7.92 -4.01
N GLU A 181 -0.93 8.58 -5.11
CA GLU A 181 -0.49 9.95 -5.37
C GLU A 181 -1.10 10.95 -4.37
N CYS A 182 -2.33 10.66 -3.93
CA CYS A 182 -2.97 11.42 -2.85
C CYS A 182 -2.25 11.22 -1.53
N LEU A 183 -1.80 9.99 -1.26
CA LEU A 183 -1.01 9.68 -0.06
C LEU A 183 0.32 10.43 -0.06
N GLU A 184 1.03 10.37 -1.19
CA GLU A 184 2.24 11.16 -1.43
C GLU A 184 2.01 12.65 -1.12
N SER A 185 0.95 13.21 -1.69
CA SER A 185 0.66 14.65 -1.55
C SER A 185 0.39 15.05 -0.10
N ARG A 186 -0.39 14.23 0.60
CA ARG A 186 -0.73 14.52 2.00
C ARG A 186 0.49 14.52 2.91
N LEU A 187 1.36 13.52 2.74
CA LEU A 187 2.58 13.42 3.53
C LEU A 187 3.50 14.61 3.25
N SER A 188 3.69 14.90 1.96
CA SER A 188 4.50 16.04 1.52
C SER A 188 3.97 17.37 2.07
N GLU A 189 2.66 17.57 1.98
CA GLU A 189 2.01 18.80 2.47
C GLU A 189 2.05 18.95 3.98
N ASN A 190 2.07 17.83 4.70
CA ASN A 190 2.25 17.84 6.16
C ASN A 190 3.72 17.99 6.59
N GLY A 191 4.62 18.03 5.62
CA GLY A 191 6.07 18.16 5.88
C GLY A 191 6.66 16.94 6.56
N VAL A 192 6.08 15.76 6.29
CA VAL A 192 6.60 14.52 6.84
C VAL A 192 7.96 14.21 6.18
N ILE A 193 8.95 13.91 7.01
CA ILE A 193 10.29 13.56 6.56
C ILE A 193 10.28 12.11 6.07
N SER A 194 10.94 11.85 4.95
CA SER A 194 10.99 10.53 4.34
C SER A 194 11.74 9.53 5.23
N GLY A 195 11.43 8.25 5.05
CA GLY A 195 12.08 7.18 5.80
C GLY A 195 13.08 6.42 4.97
N GLN A 196 13.42 5.21 5.42
CA GLN A 196 14.41 4.40 4.74
C GLN A 196 13.70 3.31 3.93
N CYS A 197 13.62 3.52 2.62
CA CYS A 197 12.99 2.55 1.71
C CYS A 197 13.69 1.19 1.85
N PRO A 198 12.91 0.10 1.95
CA PRO A 198 13.56 -1.21 2.05
C PRO A 198 14.31 -1.58 0.78
N GLU A 199 15.39 -2.35 0.95
CA GLU A 199 16.23 -2.78 -0.17
C GLU A 199 15.43 -3.58 -1.21
N SER A 200 14.37 -4.22 -0.75
CA SER A 200 13.47 -5.04 -1.58
C SER A 200 12.66 -4.27 -2.62
N ASP A 201 12.46 -2.97 -2.39
CA ASP A 201 11.46 -2.20 -3.14
C ASP A 201 12.04 -1.28 -4.21
N VAL A 202 11.20 -0.90 -5.17
CA VAL A 202 11.56 0.15 -6.12
C VAL A 202 10.60 1.34 -6.01
N HIS A 203 11.08 2.50 -6.44
CA HIS A 203 10.27 3.73 -6.52
C HIS A 203 10.91 4.71 -7.49
N PRO A 204 10.09 5.55 -8.16
CA PRO A 204 10.65 6.59 -9.00
C PRO A 204 11.06 7.78 -8.15
N GLU A 205 11.73 8.75 -8.78
CA GLU A 205 12.22 9.94 -8.09
C GLU A 205 11.09 10.78 -7.49
N ASN A 206 9.91 10.76 -8.13
CA ASN A 206 8.78 11.55 -7.68
C ASN A 206 7.94 10.90 -6.56
N TRP A 207 8.29 9.68 -6.15
CA TRP A 207 7.71 9.07 -4.95
C TRP A 207 8.70 9.26 -3.82
N LYS A 208 8.38 10.14 -2.88
CA LYS A 208 9.25 10.39 -1.74
C LYS A 208 9.01 9.44 -0.57
N TYR A 209 7.85 8.78 -0.57
CA TYR A 209 7.46 7.88 0.53
C TYR A 209 7.03 6.50 0.05
N LEU A 210 6.35 6.46 -1.09
CA LEU A 210 5.81 5.22 -1.61
C LEU A 210 6.88 4.37 -2.30
N SER A 211 6.73 3.05 -2.20
CA SER A 211 7.56 2.11 -2.92
C SER A 211 6.76 0.85 -3.27
N TYR A 212 7.35 0.01 -4.11
CA TYR A 212 6.65 -1.12 -4.68
C TYR A 212 7.52 -2.37 -4.74
N ARG A 213 6.89 -3.51 -4.47
CA ARG A 213 7.43 -4.80 -4.90
C ARG A 213 6.27 -5.73 -5.25
N ASN A 214 6.57 -6.76 -6.03
CA ASN A 214 5.63 -7.85 -6.27
C ASN A 214 6.02 -9.09 -5.51
N GLU A 215 5.11 -9.51 -4.63
CA GLU A 215 5.33 -10.57 -3.65
C GLU A 215 5.54 -11.95 -4.28
N LEU A 216 4.96 -12.16 -5.46
CA LEU A 216 5.08 -13.43 -6.18
C LEU A 216 6.42 -13.60 -6.89
N ARG A 217 7.01 -12.49 -7.34
CA ARG A 217 8.21 -12.51 -8.17
C ARG A 217 9.40 -11.74 -7.58
N SER A 218 9.36 -11.48 -6.28
CA SER A 218 10.48 -10.84 -5.59
C SER A 218 10.54 -11.30 -4.14
N GLY A 219 11.70 -11.09 -3.51
CA GLY A 219 11.89 -11.43 -2.12
C GLY A 219 12.08 -10.22 -1.23
N ARG A 220 12.25 -10.50 0.07
CA ARG A 220 12.43 -9.49 1.10
C ARG A 220 13.86 -8.93 1.10
N ASP A 221 14.81 -9.69 0.54
CA ASP A 221 16.22 -9.29 0.50
C ASP A 221 16.48 -8.11 -0.45
N GLY A 222 16.03 -8.24 -1.70
CA GLY A 222 16.30 -7.21 -2.69
C GLY A 222 17.65 -7.41 -3.37
N GLY A 223 18.31 -6.30 -3.68
CA GLY A 223 19.52 -6.31 -4.50
C GLY A 223 19.23 -5.65 -5.83
N GLU A 224 20.30 -5.28 -6.55
CA GLU A 224 20.14 -4.55 -7.81
C GLU A 224 19.37 -5.35 -8.85
N MET A 225 19.65 -6.65 -8.92
CA MET A 225 19.02 -7.57 -9.87
C MET A 225 17.50 -7.63 -9.66
N GLN A 226 17.09 -7.83 -8.41
CA GLN A 226 15.67 -7.85 -8.07
C GLN A 226 14.99 -6.51 -8.37
N ARG A 227 15.64 -5.42 -7.97
CA ARG A 227 15.10 -4.07 -8.21
C ARG A 227 14.97 -3.78 -9.70
N GLN A 228 15.91 -4.28 -10.48
CA GLN A 228 15.88 -4.15 -11.94
C GLN A 228 14.69 -4.90 -12.53
N ALA A 229 14.43 -6.10 -12.03
CA ALA A 229 13.28 -6.90 -12.46
C ALA A 229 11.95 -6.24 -12.08
N LEU A 230 11.88 -5.70 -10.87
CA LEU A 230 10.67 -5.02 -10.38
C LEU A 230 10.31 -3.78 -11.19
N ARG A 231 11.33 -3.07 -11.67
CA ARG A 231 11.13 -1.87 -12.49
C ARG A 231 10.47 -2.17 -13.83
N GLU A 232 10.58 -3.43 -14.28
CA GLU A 232 9.95 -3.87 -15.53
C GLU A 232 8.53 -4.41 -15.35
N GLU A 233 8.11 -4.62 -14.11
CA GLU A 233 6.76 -5.12 -13.82
C GLU A 233 5.73 -4.21 -14.50
N PRO A 234 4.86 -4.79 -15.36
CA PRO A 234 3.82 -3.99 -16.00
C PRO A 234 3.02 -3.17 -15.00
N PHE A 235 2.62 -3.77 -13.87
CA PHE A 235 1.86 -3.04 -12.85
C PHE A 235 2.61 -1.79 -12.37
N TYR A 236 3.88 -1.95 -12.04
CA TYR A 236 4.71 -0.83 -11.56
C TYR A 236 4.81 0.29 -12.59
N ARG A 237 5.04 -0.09 -13.84
CA ARG A 237 5.15 0.88 -14.92
C ARG A 237 3.82 1.61 -15.16
N LEU A 238 2.72 0.89 -15.04
CA LEU A 238 1.38 1.52 -15.12
C LEU A 238 1.11 2.50 -13.98
N MET A 239 1.77 2.30 -12.83
CA MET A 239 1.65 3.21 -11.69
C MET A 239 2.53 4.47 -11.81
N THR A 240 3.53 4.41 -12.68
CA THR A 240 4.60 5.43 -12.69
C THR A 240 4.79 6.22 -13.98
N GLU A 241 4.38 5.67 -15.11
CA GLU A 241 4.71 6.28 -16.40
C GLU A 241 3.53 6.98 -17.07
N GLN B 1 9.68 -14.54 11.14
CA GLN B 1 8.35 -14.99 11.61
C GLN B 1 7.45 -13.79 11.96
N TYR B 2 7.99 -12.83 12.72
CA TYR B 2 7.21 -11.70 13.24
C TYR B 2 7.24 -10.43 12.36
N PHE B 3 8.16 -10.37 11.41
CA PHE B 3 8.48 -9.11 10.73
C PHE B 3 8.17 -9.08 9.24
N MET B 4 7.48 -10.11 8.75
CA MET B 4 7.16 -10.25 7.34
C MET B 4 5.94 -9.41 6.97
N GLU B 6 4.35 -9.98 4.38
CA GLU B 6 3.67 -10.90 3.47
C GLU B 6 2.15 -10.86 3.65
N VAL B 8 -1.16 -12.27 4.33
CA VAL B 8 -1.71 -13.47 4.92
C VAL B 8 -3.22 -13.51 4.78
N ALA B 9 -3.75 -14.64 4.35
CA ALA B 9 -5.18 -14.79 4.13
C ALA B 9 -6.10 -14.75 5.31
#